data_2FW3
#
_entry.id   2FW3
#
_cell.length_a   85.800
_cell.length_b   96.200
_cell.length_c   124.300
_cell.angle_alpha   90.00
_cell.angle_beta   90.00
_cell.angle_gamma   90.00
#
_symmetry.space_group_name_H-M   'P 21 21 21'
#
loop_
_entity.id
_entity.type
_entity.pdbx_description
1 polymer 'Carnitine O-palmitoyltransferase II, mitochondrial'
2 non-polymer (3R)-3-{[(TETRADECYLAMINO)CARBONYL]AMINO}-4-(TRIMETHYLAMMONIO)BUTANOATE
3 water water
#
_entity_poly.entity_id   1
_entity_poly.type   'polypeptide(L)'
_entity_poly.pdbx_seq_one_letter_code
;MGSSHHHHHHSSGLVPRGSHMAVSGPDDYLQHSIVPTMHYQDSLPRLPIPKLEDTMKRYLNAQKPLLDDSQFRRTEALCK
NFETGVGKELHAHLLAQDKQNKHTSYISGPWFDMYLTARDSIVLNFNPFMAFNPDPKSEYNDQLTRATNLTVSAVRFLKT
LQAGLLEPEVFHLNPSKSDTDAFKRLIRFVPPSLSWYGAYLVNAYPLDMSQYFRLFNSTRIPRPNRDELFTDTKARHLLV
LRKGHFYVFDVLDQDGNIVNPLEIQAHLKYILSDSSPVPEFPVAYLTSENRDVWAELRQKLIFDGNEETLKKVDSAVFCL
CLDDFPMKDLIHLSHTMLHGDGTNRWFDKSFNLIVAEDGTAAVHFEHSWGDGVAVLRFFNEVFRDSTQTPAITPQSQPAA
TNSSASVETLSFNLSGALKAGITAAKEKFDTTVKTLSIDSIQFQRGGKEFLKKKQLSPDAVAQLAFQMAFLRQYGQTVAT
YESCSTAAFKHGRTETIRPASIFTKRCSEAFVRDPSKHSVGELQHMMAECSKYHGQLTKEAAMGQGFDRHLYALRYLATA
RGLNLPELYLDPAYQQMNHNILSTSTLNSPAVSLGGFAPVVPDGFGIAYAVHDDWIGCNVSSYSGRNAREFLHCVQKCLE
DIFDALEGKAIKT
;
_entity_poly.pdbx_strand_id   A
#
loop_
_chem_comp.id
_chem_comp.type
_chem_comp.name
_chem_comp.formula
BUI non-polymer (3R)-3-{[(TETRADECYLAMINO)CARBONYL]AMINO}-4-(TRIMETHYLAMMONIO)BUTANOATE 'C22 H45 N3 O3'
#
# COMPACT_ATOMS: atom_id res chain seq x y z
N ASP A 27 16.11 12.41 24.94
CA ASP A 27 15.09 13.22 24.22
C ASP A 27 13.93 12.37 23.69
N ASP A 28 13.07 12.96 22.86
CA ASP A 28 11.96 12.19 22.26
C ASP A 28 11.92 12.11 20.72
N TYR A 29 13.05 12.38 20.10
CA TYR A 29 13.20 12.21 18.67
C TYR A 29 14.02 10.94 18.42
N LEU A 30 13.62 10.17 17.42
CA LEU A 30 14.29 8.90 17.10
C LEU A 30 15.24 8.98 15.90
N GLN A 31 15.43 10.21 15.40
CA GLN A 31 16.42 10.52 14.37
C GLN A 31 16.72 12.02 14.47
N HIS A 32 17.94 12.41 14.09
CA HIS A 32 18.41 13.80 14.32
C HIS A 32 18.95 14.56 13.11
N SER A 33 18.27 14.44 11.97
CA SER A 33 18.72 15.03 10.67
C SER A 33 19.06 16.54 10.73
N ILE A 34 20.18 16.90 10.12
CA ILE A 34 20.61 18.30 10.00
C ILE A 34 19.98 19.00 8.78
N VAL A 35 19.70 18.22 7.73
CA VAL A 35 18.88 18.66 6.63
C VAL A 35 17.45 18.58 7.14
N PRO A 36 16.67 19.65 6.98
CA PRO A 36 15.26 19.59 7.35
C PRO A 36 14.50 18.59 6.48
N THR A 37 13.55 17.91 7.08
CA THR A 37 12.80 16.86 6.42
C THR A 37 12.18 17.29 5.07
N MET A 38 11.69 18.53 4.97
CA MET A 38 10.98 18.98 3.76
C MET A 38 11.79 19.82 2.79
N HIS A 39 13.07 19.99 3.11
CA HIS A 39 14.08 20.69 2.33
C HIS A 39 14.11 20.59 0.79
N TYR A 40 13.71 19.47 0.21
CA TYR A 40 13.75 19.28 -1.26
C TYR A 40 12.40 19.44 -1.90
N GLN A 41 11.34 19.47 -1.09
CA GLN A 41 9.98 19.52 -1.59
C GLN A 41 9.75 20.63 -2.61
N ASP A 42 10.44 21.75 -2.48
CA ASP A 42 10.15 22.86 -3.37
C ASP A 42 10.78 22.72 -4.77
N SER A 43 11.82 21.90 -4.93
CA SER A 43 12.47 21.79 -6.26
C SER A 43 12.39 20.41 -6.95
N LEU A 44 11.43 19.58 -6.52
CA LEU A 44 11.16 18.32 -7.18
C LEU A 44 10.70 18.60 -8.61
N PRO A 45 11.10 17.77 -9.57
CA PRO A 45 10.68 18.07 -10.93
C PRO A 45 9.21 17.69 -11.11
N ARG A 46 8.58 18.17 -12.18
CA ARG A 46 7.19 17.81 -12.46
C ARG A 46 7.06 16.44 -13.11
N LEU A 47 6.04 15.67 -12.72
CA LEU A 47 5.76 14.40 -13.39
C LEU A 47 5.51 14.71 -14.85
N PRO A 48 6.34 14.15 -15.75
CA PRO A 48 6.19 14.44 -17.15
C PRO A 48 4.98 13.75 -17.73
N ILE A 49 4.39 14.42 -18.72
CA ILE A 49 3.32 13.89 -19.54
C ILE A 49 3.95 13.31 -20.80
N PRO A 50 3.68 12.02 -21.10
CA PRO A 50 4.27 11.51 -22.32
C PRO A 50 3.64 12.18 -23.53
N LYS A 51 4.36 12.18 -24.64
CA LYS A 51 3.77 12.54 -25.89
C LYS A 51 2.88 11.36 -26.31
N LEU A 52 1.86 11.69 -27.10
CA LEU A 52 0.69 10.83 -27.25
C LEU A 52 0.93 9.58 -28.09
N GLU A 53 1.78 9.75 -29.10
CA GLU A 53 2.14 8.69 -30.02
C GLU A 53 2.73 7.50 -29.25
N ASP A 54 3.50 7.82 -28.22
CA ASP A 54 4.21 6.82 -27.44
C ASP A 54 3.23 5.99 -26.64
N THR A 55 2.41 6.69 -25.86
CA THR A 55 1.33 6.11 -25.08
C THR A 55 0.50 5.12 -25.91
N MET A 56 0.21 5.45 -27.16
CA MET A 56 -0.59 4.52 -27.97
C MET A 56 0.21 3.23 -28.36
N LYS A 57 1.48 3.42 -28.72
CA LYS A 57 2.40 2.32 -29.01
C LYS A 57 2.52 1.42 -27.79
N ARG A 58 2.80 2.07 -26.66
CA ARG A 58 2.96 1.42 -25.40
C ARG A 58 1.66 0.67 -25.01
N TYR A 59 0.51 1.32 -25.26
CA TYR A 59 -0.80 0.69 -25.07
C TYR A 59 -0.96 -0.60 -25.90
N LEU A 60 -0.53 -0.52 -27.16
CA LEU A 60 -0.76 -1.60 -28.13
C LEU A 60 0.22 -2.72 -27.94
N ASN A 61 1.40 -2.38 -27.43
CA ASN A 61 2.42 -3.36 -27.12
C ASN A 61 1.89 -4.24 -26.01
N ALA A 62 1.24 -3.59 -25.05
CA ALA A 62 0.64 -4.24 -23.88
C ALA A 62 -0.54 -5.13 -24.21
N GLN A 63 -1.29 -4.76 -25.26
CA GLN A 63 -2.43 -5.55 -25.79
C GLN A 63 -2.01 -6.78 -26.58
N LYS A 64 -0.89 -6.68 -27.27
CA LYS A 64 -0.45 -7.72 -28.16
C LYS A 64 -0.46 -9.16 -27.59
N PRO A 65 0.09 -9.40 -26.39
CA PRO A 65 0.02 -10.76 -25.90
C PRO A 65 -1.37 -11.26 -25.48
N LEU A 66 -2.33 -10.35 -25.27
CA LEU A 66 -3.63 -10.75 -24.68
C LEU A 66 -4.78 -10.95 -25.70
N LEU A 67 -4.87 -10.04 -26.66
CA LEU A 67 -5.91 -10.08 -27.68
C LEU A 67 -5.64 -11.16 -28.72
N ASP A 68 -6.69 -11.67 -29.37
CA ASP A 68 -6.50 -12.47 -30.59
C ASP A 68 -6.46 -11.53 -31.79
N ASP A 69 -6.26 -12.11 -32.96
CA ASP A 69 -6.04 -11.38 -34.23
C ASP A 69 -6.96 -10.19 -34.49
N SER A 70 -8.27 -10.48 -34.54
CA SER A 70 -9.27 -9.49 -34.98
C SER A 70 -9.55 -8.46 -33.90
N GLN A 71 -9.52 -8.89 -32.65
CA GLN A 71 -9.61 -7.97 -31.53
C GLN A 71 -8.50 -6.93 -31.63
N PHE A 72 -7.29 -7.35 -31.99
CA PHE A 72 -6.16 -6.44 -32.04
C PHE A 72 -6.37 -5.40 -33.15
N ARG A 73 -6.83 -5.88 -34.29
CA ARG A 73 -7.13 -5.03 -35.43
C ARG A 73 -8.06 -3.91 -34.96
N ARG A 74 -9.18 -4.34 -34.40
CA ARG A 74 -10.24 -3.45 -33.99
C ARG A 74 -9.65 -2.32 -33.14
N THR A 75 -8.93 -2.71 -32.08
CA THR A 75 -8.36 -1.78 -31.10
C THR A 75 -7.46 -0.74 -31.76
N GLU A 76 -6.65 -1.18 -32.71
CA GLU A 76 -5.71 -0.30 -33.38
C GLU A 76 -6.40 0.80 -34.18
N ALA A 77 -7.52 0.43 -34.80
CA ALA A 77 -8.31 1.38 -35.55
C ALA A 77 -8.65 2.54 -34.61
N LEU A 78 -9.11 2.18 -33.41
CA LEU A 78 -9.54 3.14 -32.41
C LEU A 78 -8.42 4.02 -31.95
N CYS A 79 -7.27 3.41 -31.68
CA CYS A 79 -6.07 4.15 -31.29
C CYS A 79 -5.66 5.16 -32.34
N LYS A 80 -5.96 4.87 -33.60
CA LYS A 80 -5.71 5.84 -34.67
C LYS A 80 -6.72 6.98 -34.59
N ASN A 81 -8.02 6.65 -34.46
CA ASN A 81 -9.07 7.67 -34.30
C ASN A 81 -8.77 8.63 -33.16
N PHE A 82 -8.63 8.06 -31.98
CA PHE A 82 -8.26 8.78 -30.78
C PHE A 82 -6.96 9.61 -30.92
N GLU A 83 -5.97 9.10 -31.66
CA GLU A 83 -4.65 9.74 -31.72
C GLU A 83 -4.65 11.06 -32.49
N THR A 84 -5.46 11.14 -33.53
CA THR A 84 -5.54 12.37 -34.31
C THR A 84 -6.92 13.03 -34.25
N GLY A 85 -7.84 12.39 -33.52
CA GLY A 85 -9.17 12.93 -33.27
C GLY A 85 -9.29 13.41 -31.85
N VAL A 86 -10.22 12.82 -31.11
CA VAL A 86 -10.57 13.33 -29.78
C VAL A 86 -9.38 13.32 -28.80
N GLY A 87 -8.63 12.21 -28.78
CA GLY A 87 -7.41 12.09 -27.99
C GLY A 87 -6.44 13.23 -28.17
N LYS A 88 -6.12 13.57 -29.42
CA LYS A 88 -5.28 14.74 -29.69
C LYS A 88 -5.78 16.02 -29.02
N GLU A 89 -7.09 16.23 -28.97
CA GLU A 89 -7.66 17.42 -28.33
C GLU A 89 -7.69 17.36 -26.81
N LEU A 90 -7.93 16.18 -26.25
CA LEU A 90 -7.83 16.01 -24.81
C LEU A 90 -6.41 16.28 -24.32
N HIS A 91 -5.43 15.85 -25.11
CA HIS A 91 -4.03 16.01 -24.74
C HIS A 91 -3.65 17.48 -24.76
N ALA A 92 -4.06 18.16 -25.83
CA ALA A 92 -3.79 19.58 -26.01
C ALA A 92 -4.15 20.28 -24.72
N HIS A 93 -5.23 19.80 -24.13
CA HIS A 93 -5.85 20.48 -23.00
C HIS A 93 -5.31 20.06 -21.66
N LEU A 94 -4.92 18.80 -21.56
CA LEU A 94 -4.26 18.24 -20.38
C LEU A 94 -2.87 18.88 -20.24
N LEU A 95 -2.23 19.17 -21.38
CA LEU A 95 -0.93 19.85 -21.42
C LEU A 95 -1.00 21.30 -20.99
N ALA A 96 -2.04 22.02 -21.42
CA ALA A 96 -2.19 23.43 -21.13
C ALA A 96 -2.62 23.67 -19.68
N GLN A 97 -3.52 22.81 -19.21
CA GLN A 97 -3.93 22.77 -17.81
C GLN A 97 -2.74 22.45 -16.89
N ASP A 98 -1.87 21.54 -17.33
CA ASP A 98 -0.68 21.23 -16.56
C ASP A 98 0.29 22.41 -16.49
N LYS A 99 0.43 23.15 -17.59
CA LYS A 99 1.25 24.39 -17.57
C LYS A 99 0.68 25.44 -16.61
N GLN A 100 -0.63 25.46 -16.46
CA GLN A 100 -1.26 26.39 -15.53
C GLN A 100 -1.22 25.96 -14.07
N ASN A 101 -0.83 24.71 -13.81
CA ASN A 101 -0.83 24.14 -12.47
C ASN A 101 0.53 23.55 -12.13
N LYS A 102 1.55 24.38 -12.19
CA LYS A 102 2.92 23.90 -12.04
C LYS A 102 3.19 23.34 -10.65
N HIS A 103 2.42 23.80 -9.66
CA HIS A 103 2.63 23.41 -8.26
C HIS A 103 2.35 21.92 -7.99
N THR A 104 1.62 21.27 -8.89
CA THR A 104 1.23 19.87 -8.67
C THR A 104 1.54 18.98 -9.88
N SER A 105 1.24 17.67 -9.75
CA SER A 105 1.34 16.71 -10.85
C SER A 105 -0.02 16.67 -11.51
N TYR A 106 -0.03 16.44 -12.82
CA TYR A 106 -1.28 16.27 -13.59
C TYR A 106 -2.19 15.07 -13.19
N ILE A 107 -1.64 14.07 -12.48
CA ILE A 107 -2.39 12.85 -12.09
C ILE A 107 -2.99 12.86 -10.65
N SER A 108 -2.36 13.62 -9.73
CA SER A 108 -2.71 13.59 -8.29
C SER A 108 -4.22 13.66 -8.01
N GLY A 109 -4.81 14.78 -8.43
CA GLY A 109 -6.25 15.03 -8.24
C GLY A 109 -7.16 13.95 -8.77
N PRO A 110 -7.05 13.61 -10.08
CA PRO A 110 -7.75 12.45 -10.67
C PRO A 110 -7.42 11.08 -10.04
N TRP A 111 -6.28 10.97 -9.35
CA TRP A 111 -5.93 9.73 -8.64
C TRP A 111 -6.51 9.69 -7.21
N PHE A 112 -6.51 10.82 -6.52
CA PHE A 112 -7.20 10.90 -5.24
C PHE A 112 -8.65 10.54 -5.44
N ASP A 113 -9.24 11.04 -6.53
CA ASP A 113 -10.64 10.74 -6.85
C ASP A 113 -10.86 9.32 -7.23
N MET A 114 -9.85 8.63 -7.78
CA MET A 114 -10.03 7.21 -8.11
C MET A 114 -10.45 6.59 -6.80
N TYR A 115 -9.70 6.84 -5.76
CA TYR A 115 -9.99 6.31 -4.46
C TYR A 115 -11.33 6.76 -3.87
N LEU A 116 -11.54 8.07 -3.87
CA LEU A 116 -12.46 8.68 -2.92
C LEU A 116 -13.89 8.55 -3.37
N THR A 117 -14.06 8.27 -4.65
CA THR A 117 -15.39 8.25 -5.26
C THR A 117 -15.93 6.85 -5.39
N ALA A 118 -15.07 5.87 -5.68
CA ALA A 118 -15.38 4.44 -5.36
C ALA A 118 -16.32 4.26 -4.15
N ARG A 119 -17.56 3.87 -4.40
CA ARG A 119 -18.47 3.62 -3.31
C ARG A 119 -18.37 2.16 -2.73
N ASP A 120 -17.60 1.28 -3.36
CA ASP A 120 -17.36 -0.04 -2.76
C ASP A 120 -16.74 0.08 -1.37
N SER A 121 -16.76 -1.05 -0.65
CA SER A 121 -16.15 -1.13 0.67
C SER A 121 -14.68 -0.88 0.49
N ILE A 122 -14.03 -0.30 1.47
CA ILE A 122 -12.59 -0.11 1.36
C ILE A 122 -11.90 -1.37 1.84
N VAL A 123 -12.60 -2.20 2.60
CA VAL A 123 -12.01 -3.39 3.21
C VAL A 123 -11.84 -4.43 2.12
N LEU A 124 -10.62 -4.90 1.97
CA LEU A 124 -10.24 -5.80 0.87
C LEU A 124 -10.00 -5.07 -0.44
N ASN A 125 -11.01 -4.39 -0.96
CA ASN A 125 -10.80 -3.64 -2.20
C ASN A 125 -9.66 -2.58 -2.16
N PHE A 126 -9.38 -1.97 -1.01
CA PHE A 126 -8.24 -1.05 -0.92
C PHE A 126 -7.26 -1.24 0.26
N ASN A 127 -7.74 -1.44 1.48
CA ASN A 127 -6.82 -1.57 2.61
C ASN A 127 -5.90 -2.83 2.60
N PRO A 128 -4.57 -2.65 2.57
CA PRO A 128 -3.58 -3.71 2.70
C PRO A 128 -2.92 -3.81 4.08
N PHE A 129 -2.21 -4.90 4.35
CA PHE A 129 -1.39 -4.98 5.55
C PHE A 129 0.06 -5.27 5.26
N MET A 130 0.91 -5.00 6.25
CA MET A 130 2.23 -5.63 6.35
C MET A 130 2.55 -5.96 7.83
N ALA A 131 3.05 -7.17 8.06
CA ALA A 131 3.31 -7.67 9.39
C ALA A 131 4.77 -7.49 9.76
N PHE A 132 5.00 -7.04 10.99
CA PHE A 132 6.34 -6.90 11.55
C PHE A 132 6.96 -8.27 11.84
N ASN A 133 8.28 -8.34 11.80
CA ASN A 133 8.96 -9.43 12.48
C ASN A 133 8.85 -9.25 13.99
N PRO A 134 9.10 -10.33 14.75
CA PRO A 134 9.07 -10.17 16.19
C PRO A 134 10.25 -9.31 16.62
N ASP A 135 10.30 -8.95 17.89
CA ASP A 135 11.58 -8.55 18.47
C ASP A 135 12.42 -9.85 18.49
N PRO A 136 13.72 -9.73 18.20
CA PRO A 136 14.64 -10.85 18.45
C PRO A 136 14.67 -11.38 19.89
N LYS A 137 14.52 -10.49 20.88
CA LYS A 137 14.53 -10.85 22.33
C LYS A 137 13.16 -11.40 22.79
N SER A 138 13.11 -12.70 23.06
CA SER A 138 11.85 -13.42 23.35
C SER A 138 10.90 -12.70 24.32
N GLU A 139 11.43 -12.30 25.47
CA GLU A 139 10.66 -11.64 26.54
C GLU A 139 9.90 -10.38 26.10
N TYR A 140 10.39 -9.72 25.04
CA TYR A 140 9.84 -8.44 24.61
C TYR A 140 8.59 -8.57 23.70
N ASN A 141 8.21 -9.80 23.36
CA ASN A 141 7.03 -10.09 22.52
C ASN A 141 5.71 -10.30 23.29
N ASP A 142 5.75 -9.95 24.58
CA ASP A 142 4.58 -9.86 25.45
C ASP A 142 3.70 -8.69 24.97
N GLN A 143 2.38 -8.89 24.99
CA GLN A 143 1.42 -7.91 24.45
C GLN A 143 1.55 -6.50 25.06
N LEU A 144 1.39 -6.38 26.38
CA LEU A 144 1.57 -5.11 27.08
C LEU A 144 2.90 -4.37 26.76
N THR A 145 4.02 -5.06 26.92
CA THR A 145 5.32 -4.50 26.57
C THR A 145 5.30 -3.93 25.15
N ARG A 146 5.05 -4.83 24.20
CA ARG A 146 5.21 -4.50 22.79
C ARG A 146 4.26 -3.39 22.31
N ALA A 147 3.01 -3.46 22.74
CA ALA A 147 2.02 -2.44 22.36
C ALA A 147 2.46 -1.07 22.83
N THR A 148 3.13 -1.06 23.97
CA THR A 148 3.54 0.17 24.59
C THR A 148 4.70 0.75 23.80
N ASN A 149 5.70 -0.08 23.52
CA ASN A 149 6.89 0.40 22.79
C ASN A 149 6.60 0.88 21.37
N LEU A 150 5.68 0.20 20.70
CA LEU A 150 5.30 0.51 19.33
C LEU A 150 4.50 1.77 19.31
N THR A 151 3.68 1.91 20.34
CA THR A 151 2.89 3.11 20.50
C THR A 151 3.83 4.29 20.69
N VAL A 152 4.92 4.04 21.39
CA VAL A 152 5.81 5.12 21.80
C VAL A 152 6.74 5.56 20.68
N SER A 153 7.18 4.61 19.86
CA SER A 153 8.03 4.89 18.70
C SER A 153 7.25 5.67 17.69
N ALA A 154 6.02 5.22 17.46
CA ALA A 154 5.11 5.88 16.55
C ALA A 154 4.89 7.33 16.92
N VAL A 155 4.74 7.55 18.21
CA VAL A 155 4.58 8.91 18.68
C VAL A 155 5.92 9.64 18.59
N ARG A 156 7.01 8.96 18.96
CA ARG A 156 8.35 9.54 18.71
C ARG A 156 8.48 9.98 17.23
N PHE A 157 8.05 9.13 16.29
CA PHE A 157 8.20 9.40 14.88
C PHE A 157 7.46 10.65 14.49
N LEU A 158 6.21 10.75 14.92
CA LEU A 158 5.36 11.90 14.66
C LEU A 158 6.13 13.18 15.08
N LYS A 159 6.62 13.12 16.32
CA LYS A 159 7.38 14.18 16.94
C LYS A 159 8.53 14.57 16.05
N THR A 160 9.33 13.60 15.64
CA THR A 160 10.53 13.89 14.86
C THR A 160 10.21 14.36 13.48
N LEU A 161 9.06 13.97 12.95
CA LEU A 161 8.60 14.40 11.63
C LEU A 161 8.30 15.86 11.73
N GLN A 162 7.70 16.21 12.86
CA GLN A 162 7.17 17.51 13.10
C GLN A 162 8.28 18.47 13.37
N ALA A 163 9.33 17.95 13.99
CA ALA A 163 10.49 18.76 14.28
C ALA A 163 11.38 18.96 13.05
N GLY A 164 11.12 18.25 11.96
CA GLY A 164 12.00 18.32 10.79
C GLY A 164 13.32 17.62 11.00
N LEU A 165 13.33 16.58 11.83
CA LEU A 165 14.56 15.87 12.18
C LEU A 165 14.56 14.44 11.65
N LEU A 166 13.52 14.12 10.89
CA LEU A 166 13.53 12.92 10.10
C LEU A 166 14.33 13.23 8.85
N GLU A 167 15.19 12.30 8.44
CA GLU A 167 15.93 12.41 7.18
C GLU A 167 15.04 12.36 5.96
N PRO A 168 15.09 13.41 5.11
CA PRO A 168 14.43 13.36 3.81
C PRO A 168 14.56 11.97 3.12
N GLU A 169 13.49 11.54 2.45
CA GLU A 169 13.46 10.34 1.62
C GLU A 169 14.31 10.61 0.40
N VAL A 170 15.29 9.74 0.15
CA VAL A 170 16.12 9.87 -1.05
C VAL A 170 16.47 8.53 -1.65
N PHE A 171 16.30 8.43 -2.97
CA PHE A 171 16.82 7.32 -3.75
C PHE A 171 18.26 7.57 -4.24
N HIS A 172 19.21 6.85 -3.65
CA HIS A 172 20.63 7.01 -3.93
C HIS A 172 21.18 5.99 -4.92
N LEU A 173 21.70 6.45 -6.06
CA LEU A 173 22.45 5.55 -6.96
C LEU A 173 23.85 5.27 -6.39
N ASN A 174 24.41 6.26 -5.72
CA ASN A 174 25.72 6.13 -5.13
C ASN A 174 25.76 6.44 -3.63
N PRO A 175 25.18 5.55 -2.80
CA PRO A 175 24.94 5.86 -1.38
C PRO A 175 26.22 6.22 -0.62
N SER A 176 27.29 5.46 -0.85
CA SER A 176 28.56 5.78 -0.19
C SER A 176 29.11 7.15 -0.61
N LYS A 177 28.53 7.76 -1.65
CA LYS A 177 28.88 9.15 -2.00
C LYS A 177 27.97 10.19 -1.35
N SER A 178 26.66 10.01 -1.49
CA SER A 178 25.72 11.09 -1.16
C SER A 178 24.99 10.93 0.18
N ASP A 179 24.98 9.70 0.71
CA ASP A 179 24.44 9.44 2.05
C ASP A 179 25.53 9.52 3.13
N THR A 180 26.16 10.69 3.19
CA THR A 180 27.30 10.95 4.05
C THR A 180 27.12 12.31 4.70
N ASP A 181 27.43 12.38 5.99
CA ASP A 181 27.42 13.65 6.71
C ASP A 181 28.03 14.74 5.86
N ALA A 182 29.08 14.39 5.12
CA ALA A 182 29.84 15.36 4.35
C ALA A 182 28.95 16.11 3.38
N PHE A 183 28.17 15.37 2.60
CA PHE A 183 27.23 15.96 1.64
C PHE A 183 26.07 16.68 2.32
N LYS A 184 25.63 16.13 3.45
CA LYS A 184 24.51 16.69 4.20
C LYS A 184 24.87 18.04 4.81
N ARG A 185 26.06 18.07 5.42
CA ARG A 185 26.65 19.25 6.02
C ARG A 185 26.68 20.39 5.03
N LEU A 186 26.53 20.05 3.76
CA LEU A 186 26.76 21.00 2.70
C LEU A 186 25.48 21.35 1.97
N ILE A 187 24.71 20.35 1.59
CA ILE A 187 23.44 20.61 0.89
C ILE A 187 22.49 21.43 1.77
N ARG A 188 22.74 21.41 3.07
CA ARG A 188 21.85 22.05 4.04
C ARG A 188 21.76 23.56 3.87
N PHE A 189 22.76 24.19 3.24
CA PHE A 189 22.77 25.64 3.14
C PHE A 189 22.13 26.06 1.85
N VAL A 190 21.88 25.09 0.97
CA VAL A 190 21.30 25.43 -0.34
C VAL A 190 19.79 25.66 -0.18
N PRO A 191 19.28 26.81 -0.69
CA PRO A 191 17.84 27.10 -0.57
C PRO A 191 16.94 26.02 -1.18
N PRO A 192 15.84 25.69 -0.49
CA PRO A 192 14.84 24.72 -0.95
C PRO A 192 14.45 24.90 -2.41
N SER A 193 14.42 26.15 -2.88
CA SER A 193 14.09 26.43 -4.27
C SER A 193 15.19 26.05 -5.28
N LEU A 194 16.37 25.70 -4.80
CA LEU A 194 17.42 25.13 -5.67
C LEU A 194 17.99 23.78 -5.19
N SER A 195 17.61 23.34 -4.00
CA SER A 195 18.23 22.17 -3.34
C SER A 195 18.22 20.84 -4.12
N TRP A 196 17.18 20.58 -4.90
CA TRP A 196 17.12 19.34 -5.67
C TRP A 196 18.26 19.15 -6.69
N TYR A 197 18.75 20.24 -7.27
CA TYR A 197 19.90 20.16 -8.20
C TYR A 197 21.21 19.69 -7.57
N GLY A 198 21.40 19.98 -6.28
CA GLY A 198 22.61 19.56 -5.59
C GLY A 198 22.63 18.07 -5.37
N ALA A 199 21.46 17.49 -5.08
CA ALA A 199 21.33 16.04 -4.97
C ALA A 199 21.30 15.40 -6.35
N TYR A 200 20.82 16.14 -7.35
CA TYR A 200 20.78 15.64 -8.69
C TYR A 200 22.20 15.37 -9.20
N LEU A 201 23.03 16.41 -9.19
CA LEU A 201 24.42 16.29 -9.64
C LEU A 201 25.19 15.18 -8.94
N VAL A 202 24.71 14.67 -7.81
CA VAL A 202 25.42 13.55 -7.18
C VAL A 202 24.74 12.23 -7.40
N ASN A 203 23.79 12.22 -8.33
CA ASN A 203 23.05 11.01 -8.71
C ASN A 203 22.11 10.50 -7.65
N ALA A 204 21.60 11.42 -6.84
CA ALA A 204 20.68 11.10 -5.77
C ALA A 204 19.30 11.72 -6.04
N TYR A 205 18.27 10.96 -5.68
CA TYR A 205 16.90 11.32 -6.02
C TYR A 205 15.96 11.47 -4.81
N PRO A 206 15.79 12.71 -4.35
CA PRO A 206 14.81 13.02 -3.32
C PRO A 206 13.40 12.67 -3.79
N LEU A 207 12.55 12.30 -2.85
CA LEU A 207 11.22 11.87 -3.15
C LEU A 207 10.20 12.83 -2.56
N ASP A 208 9.03 12.92 -3.18
CA ASP A 208 7.87 13.56 -2.58
C ASP A 208 7.56 13.02 -1.17
N MET A 209 7.22 13.96 -0.28
CA MET A 209 6.91 13.67 1.11
C MET A 209 5.69 14.44 1.65
N SER A 210 4.72 14.70 0.77
CA SER A 210 3.53 15.45 1.17
C SER A 210 2.43 14.55 1.76
N GLN A 211 2.41 13.31 1.32
CA GLN A 211 1.53 12.32 1.92
C GLN A 211 1.68 12.19 3.43
N TYR A 212 2.85 12.54 3.96
CA TYR A 212 3.20 12.34 5.36
C TYR A 212 2.42 13.21 6.34
N PHE A 213 1.97 14.36 5.90
CA PHE A 213 1.19 15.18 6.79
C PHE A 213 -0.14 14.48 7.19
N ARG A 214 -0.58 13.50 6.39
CA ARG A 214 -1.80 12.72 6.70
C ARG A 214 -1.56 11.37 7.36
N LEU A 215 -0.36 11.12 7.86
CA LEU A 215 -0.03 9.85 8.52
C LEU A 215 -0.59 9.73 9.92
N PHE A 216 -0.83 10.86 10.57
CA PHE A 216 -1.27 10.88 11.96
C PHE A 216 -2.41 11.87 12.10
N ASN A 217 -3.31 11.65 13.06
CA ASN A 217 -4.41 12.55 13.36
C ASN A 217 -5.32 12.79 12.16
N SER A 218 -5.54 11.71 11.40
CA SER A 218 -6.18 11.84 10.11
C SER A 218 -7.04 10.65 9.79
N THR A 219 -8.06 10.87 8.97
CA THR A 219 -9.02 9.81 8.64
C THR A 219 -9.85 10.10 7.40
N ARG A 220 -10.52 9.05 6.89
CA ARG A 220 -11.47 9.19 5.76
C ARG A 220 -12.93 9.32 6.18
N ILE A 221 -13.58 10.43 5.81
CA ILE A 221 -14.98 10.70 6.18
C ILE A 221 -15.92 10.30 5.05
N PRO A 222 -16.82 9.32 5.25
CA PRO A 222 -17.79 9.05 4.16
C PRO A 222 -18.75 10.23 3.89
N ARG A 223 -18.77 10.71 2.64
CA ARG A 223 -19.76 11.70 2.16
C ARG A 223 -20.34 11.28 0.78
N PRO A 224 -21.55 11.74 0.43
CA PRO A 224 -22.03 11.37 -0.91
C PRO A 224 -21.17 11.93 -2.07
N ASN A 225 -20.95 11.08 -3.08
CA ASN A 225 -20.05 11.38 -4.21
C ASN A 225 -18.58 11.22 -3.84
N ARG A 226 -17.89 12.35 -3.59
CA ARG A 226 -16.51 12.32 -3.09
C ARG A 226 -16.52 12.13 -1.58
N ASP A 227 -16.01 11.01 -1.08
CA ASP A 227 -15.58 10.96 0.33
C ASP A 227 -14.57 12.10 0.55
N GLU A 228 -14.26 12.43 1.80
CA GLU A 228 -13.42 13.60 2.10
C GLU A 228 -12.40 13.26 3.20
N LEU A 229 -11.17 13.74 3.05
CA LEU A 229 -10.06 13.49 3.99
C LEU A 229 -9.93 14.53 5.09
N PHE A 230 -9.97 14.08 6.34
CA PHE A 230 -9.95 14.95 7.50
C PHE A 230 -8.64 14.77 8.21
N THR A 231 -8.07 15.91 8.65
CA THR A 231 -6.87 16.03 9.50
C THR A 231 -7.07 17.07 10.66
N ASP A 232 -6.83 16.67 11.91
CA ASP A 232 -6.68 17.66 13.00
C ASP A 232 -5.37 17.58 13.80
N THR A 233 -4.65 18.70 13.72
CA THR A 233 -3.25 18.83 14.11
C THR A 233 -3.05 19.05 15.60
N LYS A 234 -4.12 19.41 16.32
CA LYS A 234 -4.08 19.74 17.75
C LYS A 234 -4.28 18.53 18.70
N ALA A 235 -4.90 17.49 18.17
CA ALA A 235 -5.36 16.36 18.97
C ALA A 235 -4.19 15.57 19.56
N ARG A 236 -4.19 15.42 20.89
CA ARG A 236 -3.07 14.80 21.57
C ARG A 236 -3.26 13.33 22.03
N HIS A 237 -4.21 12.61 21.43
CA HIS A 237 -4.70 11.38 22.07
C HIS A 237 -4.73 10.12 21.23
N LEU A 238 -4.53 8.97 21.87
CA LEU A 238 -4.57 7.66 21.20
C LEU A 238 -5.97 7.02 21.19
N LEU A 239 -6.39 6.48 20.05
CA LEU A 239 -7.59 5.64 20.06
C LEU A 239 -7.20 4.17 20.22
N VAL A 240 -7.96 3.46 21.04
CA VAL A 240 -7.68 2.07 21.30
C VAL A 240 -8.96 1.25 21.24
N LEU A 241 -8.96 0.20 20.43
CA LEU A 241 -10.10 -0.67 20.31
C LEU A 241 -9.82 -2.04 20.93
N ARG A 242 -10.54 -2.36 22.00
CA ARG A 242 -10.49 -3.72 22.57
C ARG A 242 -11.85 -4.35 22.61
N LYS A 243 -11.96 -5.52 21.99
CA LYS A 243 -13.22 -6.29 21.99
C LYS A 243 -14.46 -5.56 21.40
N GLY A 244 -14.23 -4.47 20.67
CA GLY A 244 -15.29 -3.67 20.08
C GLY A 244 -15.48 -2.35 20.80
N HIS A 245 -14.90 -2.24 21.98
CA HIS A 245 -15.05 -1.02 22.80
C HIS A 245 -14.04 0.03 22.39
N PHE A 246 -14.46 1.30 22.39
CA PHE A 246 -13.63 2.42 22.01
C PHE A 246 -13.03 3.07 23.25
N TYR A 247 -11.71 3.25 23.31
CA TYR A 247 -11.10 4.08 24.36
C TYR A 247 -10.22 5.23 23.81
N VAL A 248 -10.07 6.30 24.57
CA VAL A 248 -9.04 7.28 24.28
C VAL A 248 -8.24 7.59 25.55
N PHE A 249 -6.97 7.94 25.38
CA PHE A 249 -6.19 8.62 26.43
C PHE A 249 -5.03 9.38 25.82
N ASP A 250 -4.40 10.24 26.61
CA ASP A 250 -3.28 11.08 26.10
C ASP A 250 -1.92 10.43 25.97
N VAL A 251 -1.33 10.64 24.78
CA VAL A 251 0.05 10.23 24.54
C VAL A 251 0.99 11.44 24.51
N LEU A 252 0.41 12.64 24.42
CA LEU A 252 1.15 13.88 24.40
C LEU A 252 0.49 14.87 25.36
N ASP A 253 1.30 15.52 26.23
CA ASP A 253 0.83 16.48 27.24
C ASP A 253 0.71 17.98 26.81
N GLN A 254 0.22 18.80 27.73
CA GLN A 254 0.02 20.22 27.51
C GLN A 254 1.16 20.90 26.70
N ASP A 255 2.41 20.52 26.99
CA ASP A 255 3.60 21.10 26.35
C ASP A 255 3.83 20.59 24.94
N GLY A 256 3.35 19.38 24.68
CA GLY A 256 3.70 18.66 23.47
C GLY A 256 4.78 17.63 23.73
N ASN A 257 4.95 17.19 24.97
CA ASN A 257 5.94 16.16 25.25
C ASN A 257 5.30 14.82 25.48
N ILE A 258 5.97 13.77 25.03
CA ILE A 258 5.45 12.42 25.20
C ILE A 258 5.17 12.14 26.68
N VAL A 259 4.01 11.55 26.92
CA VAL A 259 3.60 11.15 28.24
C VAL A 259 4.55 10.07 28.73
N ASN A 260 4.59 9.89 30.05
CA ASN A 260 5.51 8.96 30.65
C ASN A 260 5.24 7.52 30.25
N PRO A 261 6.12 6.92 29.45
CA PRO A 261 5.99 5.53 29.06
C PRO A 261 5.23 4.71 30.11
N LEU A 262 5.65 4.79 31.37
CA LEU A 262 5.08 3.93 32.43
C LEU A 262 3.61 4.20 32.72
N GLU A 263 3.16 5.43 32.47
CA GLU A 263 1.72 5.80 32.49
C GLU A 263 0.97 5.16 31.32
N ILE A 264 1.55 5.26 30.13
CA ILE A 264 0.96 4.72 28.93
C ILE A 264 0.82 3.24 29.15
N GLN A 265 1.93 2.63 29.57
CA GLN A 265 1.96 1.22 29.92
C GLN A 265 0.81 0.84 30.86
N ALA A 266 0.63 1.65 31.91
CA ALA A 266 -0.45 1.45 32.88
C ALA A 266 -1.83 1.60 32.26
N HIS A 267 -2.01 2.68 31.49
CA HIS A 267 -3.25 2.94 30.80
C HIS A 267 -3.64 1.81 29.85
N LEU A 268 -2.66 1.21 29.18
CA LEU A 268 -2.92 0.04 28.34
C LEU A 268 -3.20 -1.22 29.18
N LYS A 269 -2.44 -1.41 30.26
CA LYS A 269 -2.62 -2.58 31.15
C LYS A 269 -4.04 -2.66 31.68
N TYR A 270 -4.59 -1.47 31.95
CA TYR A 270 -5.88 -1.32 32.58
C TYR A 270 -7.02 -1.54 31.58
N ILE A 271 -6.73 -1.27 30.30
CA ILE A 271 -7.65 -1.57 29.17
C ILE A 271 -7.64 -3.06 28.92
N LEU A 272 -6.45 -3.65 29.02
CA LEU A 272 -6.28 -5.09 28.84
C LEU A 272 -6.99 -5.93 29.91
N SER A 273 -7.41 -5.25 30.99
CA SER A 273 -8.13 -5.87 32.10
C SER A 273 -9.62 -5.91 31.88
N ASP A 274 -10.21 -4.76 31.53
CA ASP A 274 -11.66 -4.65 31.34
C ASP A 274 -12.27 -5.93 30.80
N SER A 275 -13.32 -6.40 31.48
CA SER A 275 -13.91 -7.72 31.15
C SER A 275 -15.34 -7.64 30.55
N SER A 276 -15.85 -6.41 30.36
CA SER A 276 -17.11 -6.26 29.63
C SER A 276 -16.83 -6.84 28.26
N PRO A 277 -17.68 -7.76 27.82
CA PRO A 277 -17.52 -8.53 26.59
C PRO A 277 -17.86 -7.71 25.34
N VAL A 278 -18.05 -8.40 24.22
CA VAL A 278 -18.23 -7.74 22.93
C VAL A 278 -19.65 -7.19 22.81
N PRO A 279 -19.80 -5.87 22.58
CA PRO A 279 -21.11 -5.23 22.51
C PRO A 279 -22.07 -5.91 21.56
N GLU A 280 -23.37 -5.86 21.86
CA GLU A 280 -24.35 -6.23 20.84
C GLU A 280 -24.28 -5.39 19.54
N PHE A 281 -23.57 -4.25 19.58
CA PHE A 281 -23.42 -3.39 18.42
C PHE A 281 -22.03 -2.74 18.30
N PRO A 282 -20.99 -3.49 17.88
CA PRO A 282 -19.70 -2.83 17.67
C PRO A 282 -19.78 -1.85 16.50
N VAL A 283 -19.55 -0.57 16.80
CA VAL A 283 -19.72 0.52 15.84
C VAL A 283 -18.69 0.45 14.71
N ALA A 284 -17.71 -0.44 14.86
CA ALA A 284 -16.63 -0.52 13.89
C ALA A 284 -17.01 -1.26 12.62
N TYR A 285 -18.22 -1.81 12.56
CA TYR A 285 -18.66 -2.41 11.31
C TYR A 285 -19.03 -1.33 10.25
N LEU A 286 -19.63 -0.21 10.67
CA LEU A 286 -20.02 0.89 9.72
C LEU A 286 -18.90 1.36 8.78
N THR A 287 -17.65 1.07 9.16
CA THR A 287 -16.50 1.46 8.35
C THR A 287 -16.12 0.38 7.32
N SER A 288 -16.89 -0.69 7.25
CA SER A 288 -16.64 -1.69 6.22
C SER A 288 -17.76 -1.68 5.17
N GLU A 289 -18.74 -0.81 5.39
CA GLU A 289 -19.93 -0.73 4.51
C GLU A 289 -19.66 -0.14 3.12
N ASN A 290 -20.62 -0.26 2.20
CA ASN A 290 -20.70 0.63 1.00
C ASN A 290 -20.57 2.12 1.43
N ARG A 291 -19.97 2.94 0.59
CA ARG A 291 -19.66 4.32 1.08
C ARG A 291 -20.89 5.27 1.21
N ASP A 292 -21.92 5.06 0.40
CA ASP A 292 -23.20 5.79 0.59
C ASP A 292 -24.06 5.39 1.80
N VAL A 293 -24.15 4.06 2.05
CA VAL A 293 -24.77 3.49 3.23
C VAL A 293 -24.15 4.13 4.45
N TRP A 294 -22.83 4.15 4.48
CA TRP A 294 -22.10 4.58 5.64
C TRP A 294 -22.05 6.11 5.71
N ALA A 295 -21.99 6.79 4.56
CA ALA A 295 -22.20 8.23 4.55
C ALA A 295 -23.44 8.53 5.35
N GLU A 296 -24.55 7.86 4.98
CA GLU A 296 -25.79 8.25 5.60
C GLU A 296 -25.88 7.88 7.06
N LEU A 297 -25.53 6.63 7.40
CA LEU A 297 -25.54 6.17 8.78
C LEU A 297 -24.67 7.08 9.61
N ARG A 298 -23.52 7.48 9.08
CA ARG A 298 -22.66 8.39 9.81
C ARG A 298 -23.41 9.70 10.07
N GLN A 299 -24.16 10.18 9.11
CA GLN A 299 -24.71 11.49 9.38
C GLN A 299 -25.99 11.41 10.21
N LYS A 300 -26.43 10.17 10.45
CA LYS A 300 -27.49 9.93 11.41
C LYS A 300 -26.90 9.89 12.79
N LEU A 301 -25.71 9.33 12.96
CA LEU A 301 -25.08 9.31 14.27
C LEU A 301 -24.90 10.75 14.70
N ILE A 302 -24.68 11.62 13.72
CA ILE A 302 -24.50 13.04 13.96
C ILE A 302 -25.79 13.61 14.50
N PHE A 303 -26.90 13.31 13.84
CA PHE A 303 -28.17 13.95 14.14
C PHE A 303 -28.73 13.43 15.42
N ASP A 304 -28.24 12.26 15.80
CA ASP A 304 -28.64 11.60 17.03
C ASP A 304 -27.70 11.99 18.18
N GLY A 305 -26.78 12.92 17.92
CA GLY A 305 -25.95 13.52 18.97
C GLY A 305 -24.54 12.99 19.22
N ASN A 306 -23.88 12.42 18.22
CA ASN A 306 -22.52 11.90 18.43
C ASN A 306 -21.34 12.64 17.80
N GLU A 307 -21.57 13.80 17.15
CA GLU A 307 -20.50 14.53 16.47
C GLU A 307 -19.24 14.59 17.33
N GLU A 308 -19.42 15.03 18.57
CA GLU A 308 -18.32 15.22 19.50
C GLU A 308 -17.51 13.93 19.73
N THR A 309 -18.20 12.81 19.84
CA THR A 309 -17.52 11.55 20.03
C THR A 309 -16.95 11.03 18.70
N LEU A 310 -17.55 11.43 17.60
CA LEU A 310 -16.98 11.06 16.31
C LEU A 310 -15.68 11.81 16.14
N LYS A 311 -15.71 13.12 16.45
CA LYS A 311 -14.51 13.92 16.40
C LYS A 311 -13.43 13.28 17.23
N LYS A 312 -13.71 12.93 18.48
CA LYS A 312 -12.65 12.24 19.25
C LYS A 312 -12.05 11.03 18.50
N VAL A 313 -12.89 10.27 17.81
CA VAL A 313 -12.42 9.14 16.99
C VAL A 313 -11.61 9.60 15.76
N ASP A 314 -12.04 10.72 15.15
CA ASP A 314 -11.51 11.17 13.87
C ASP A 314 -10.13 11.80 13.97
N SER A 315 -9.81 12.34 15.15
CA SER A 315 -8.58 13.15 15.33
C SER A 315 -7.44 12.43 16.02
N ALA A 316 -7.72 11.23 16.56
CA ALA A 316 -6.70 10.36 17.18
C ALA A 316 -5.48 10.08 16.30
N VAL A 317 -4.30 10.33 16.87
CA VAL A 317 -3.03 10.28 16.16
C VAL A 317 -3.03 9.07 15.21
N PHE A 318 -3.41 7.92 15.78
CA PHE A 318 -3.80 6.77 14.99
C PHE A 318 -4.73 5.92 15.84
N CYS A 319 -4.73 4.58 15.63
CA CYS A 319 -5.63 3.66 16.29
C CYS A 319 -4.94 2.32 16.67
N LEU A 320 -4.95 2.00 17.95
CA LEU A 320 -4.25 0.80 18.40
C LEU A 320 -5.23 -0.33 18.71
N CYS A 321 -5.21 -1.38 17.89
CA CYS A 321 -6.10 -2.55 18.07
C CYS A 321 -5.40 -3.65 18.84
N LEU A 322 -5.91 -3.91 20.03
CA LEU A 322 -5.38 -4.94 20.90
C LEU A 322 -6.21 -6.23 20.88
N ASP A 323 -6.08 -7.01 19.81
CA ASP A 323 -6.72 -8.33 19.75
C ASP A 323 -6.33 -9.19 20.96
N ASP A 324 -7.26 -10.03 21.40
CA ASP A 324 -7.02 -10.90 22.55
C ASP A 324 -7.10 -12.37 22.14
N PHE A 325 -6.28 -12.73 21.17
CA PHE A 325 -6.06 -14.11 20.75
C PHE A 325 -4.67 -14.20 20.08
N PRO A 326 -4.04 -15.40 20.11
CA PRO A 326 -2.76 -15.55 19.44
C PRO A 326 -2.86 -16.04 17.99
N MET A 327 -1.78 -15.91 17.24
CA MET A 327 -1.76 -16.36 15.88
C MET A 327 -1.48 -17.87 15.86
N LYS A 328 -2.30 -18.61 15.13
CA LYS A 328 -2.12 -20.04 15.01
C LYS A 328 -1.14 -20.37 13.87
N ASP A 329 -1.06 -19.49 12.88
CA ASP A 329 -0.18 -19.68 11.72
C ASP A 329 -0.24 -18.48 10.74
N LEU A 330 0.37 -18.64 9.57
CA LEU A 330 0.54 -17.55 8.62
C LEU A 330 -0.77 -17.08 7.99
N ILE A 331 -1.57 -18.03 7.54
CA ILE A 331 -2.91 -17.79 7.05
C ILE A 331 -3.72 -17.03 8.09
N HIS A 332 -3.71 -17.51 9.32
CA HIS A 332 -4.49 -16.91 10.38
C HIS A 332 -4.07 -15.45 10.55
N LEU A 333 -2.77 -15.25 10.74
CA LEU A 333 -2.19 -13.91 10.82
C LEU A 333 -2.68 -12.99 9.69
N SER A 334 -2.67 -13.54 8.48
CA SER A 334 -3.09 -12.84 7.28
C SER A 334 -4.58 -12.43 7.25
N HIS A 335 -5.45 -13.36 7.60
CA HIS A 335 -6.88 -13.00 7.69
C HIS A 335 -7.04 -11.90 8.74
N THR A 336 -6.31 -12.07 9.84
CA THR A 336 -6.39 -11.18 10.98
C THR A 336 -5.93 -9.78 10.64
N MET A 337 -4.84 -9.66 9.89
CA MET A 337 -4.24 -8.36 9.67
C MET A 337 -4.89 -7.64 8.51
N LEU A 338 -5.49 -8.43 7.61
CA LEU A 338 -6.09 -7.92 6.40
C LEU A 338 -7.54 -7.45 6.59
N HIS A 339 -8.36 -8.23 7.30
CA HIS A 339 -9.74 -7.81 7.60
C HIS A 339 -10.12 -7.95 9.08
N GLY A 340 -9.54 -8.96 9.74
CA GLY A 340 -9.91 -9.32 11.09
C GLY A 340 -11.32 -9.85 11.14
N ASP A 341 -11.91 -9.85 12.34
CA ASP A 341 -13.32 -10.22 12.50
C ASP A 341 -14.36 -9.09 12.22
N GLY A 342 -13.95 -7.83 12.23
CA GLY A 342 -14.84 -6.73 11.88
C GLY A 342 -15.16 -5.82 13.04
N THR A 343 -15.11 -6.41 14.24
CA THR A 343 -15.46 -5.67 15.45
C THR A 343 -14.37 -4.72 15.96
N ASN A 344 -13.14 -4.95 15.51
CA ASN A 344 -11.96 -4.40 16.18
C ASN A 344 -10.98 -3.56 15.32
N ARG A 345 -11.48 -2.92 14.25
CA ARG A 345 -10.68 -1.98 13.41
C ARG A 345 -11.53 -0.85 12.88
N TRP A 346 -11.11 0.38 13.14
CA TRP A 346 -11.64 1.52 12.45
C TRP A 346 -10.91 1.60 11.12
N PHE A 347 -11.50 1.04 10.06
CA PHE A 347 -10.87 1.05 8.74
C PHE A 347 -10.78 2.48 8.07
N ASP A 348 -11.59 3.44 8.44
CA ASP A 348 -11.48 4.83 7.86
C ASP A 348 -10.17 5.53 8.25
N LYS A 349 -9.65 5.17 9.44
CA LYS A 349 -8.44 5.78 9.99
C LYS A 349 -7.24 5.69 9.02
N SER A 350 -6.35 6.67 9.14
CA SER A 350 -5.16 6.80 8.31
C SER A 350 -4.42 5.50 8.37
N PHE A 351 -4.34 4.87 9.55
CA PHE A 351 -3.92 3.46 9.69
C PHE A 351 -4.25 2.87 11.06
N ASN A 352 -3.98 1.57 11.20
CA ASN A 352 -4.30 0.88 12.43
C ASN A 352 -3.09 0.09 12.92
N LEU A 353 -2.68 0.31 14.17
CA LEU A 353 -1.59 -0.47 14.72
C LEU A 353 -2.14 -1.68 15.53
N ILE A 354 -2.00 -2.89 14.98
CA ILE A 354 -2.59 -4.11 15.59
C ILE A 354 -1.55 -4.87 16.40
N VAL A 355 -1.75 -5.00 17.71
CA VAL A 355 -0.90 -5.91 18.50
C VAL A 355 -1.70 -7.02 19.19
N ALA A 356 -1.43 -8.25 18.80
CA ALA A 356 -2.18 -9.40 19.32
C ALA A 356 -1.61 -9.95 20.62
N GLU A 357 -2.06 -11.15 20.97
CA GLU A 357 -1.75 -11.74 22.28
C GLU A 357 -0.37 -12.39 22.39
N ASP A 358 0.12 -12.95 21.28
CA ASP A 358 1.51 -13.42 21.21
C ASP A 358 2.46 -12.31 20.72
N GLY A 359 1.98 -11.07 20.78
CA GLY A 359 2.75 -9.89 20.36
C GLY A 359 3.02 -9.79 18.86
N THR A 360 2.29 -10.54 18.04
CA THR A 360 2.35 -10.34 16.59
C THR A 360 1.71 -8.97 16.29
N ALA A 361 2.42 -8.13 15.57
CA ALA A 361 1.95 -6.79 15.32
C ALA A 361 1.93 -6.47 13.82
N ALA A 362 1.10 -5.53 13.40
CA ALA A 362 1.11 -5.11 12.00
C ALA A 362 0.63 -3.67 11.80
N VAL A 363 0.60 -3.28 10.52
CA VAL A 363 -0.01 -2.03 10.11
C VAL A 363 -0.96 -2.33 8.97
N HIS A 364 -2.23 -2.05 9.22
CA HIS A 364 -3.30 -2.08 8.23
C HIS A 364 -3.62 -0.59 7.95
N PHE A 365 -3.70 -0.18 6.68
CA PHE A 365 -3.89 1.26 6.38
C PHE A 365 -4.87 1.55 5.26
N GLU A 366 -5.59 2.64 5.43
CA GLU A 366 -6.46 3.20 4.41
C GLU A 366 -5.53 3.73 3.34
N HIS A 367 -5.94 3.64 2.07
CA HIS A 367 -5.08 3.93 0.91
C HIS A 367 -5.30 5.29 0.22
N SER A 368 -6.45 5.92 0.41
CA SER A 368 -6.74 7.13 -0.33
C SER A 368 -5.65 8.22 -0.16
N TRP A 369 -5.20 8.42 1.05
CA TRP A 369 -4.24 9.47 1.41
C TRP A 369 -2.78 9.22 0.99
N GLY A 370 -2.39 7.96 0.78
CA GLY A 370 -0.99 7.66 0.50
C GLY A 370 -0.65 6.32 -0.13
N ASP A 371 0.57 6.24 -0.67
CA ASP A 371 0.95 5.07 -1.45
C ASP A 371 1.89 4.08 -0.77
N GLY A 372 2.29 4.34 0.47
CA GLY A 372 3.04 3.35 1.22
C GLY A 372 4.52 3.21 0.92
N VAL A 373 5.11 4.28 0.41
CA VAL A 373 6.56 4.47 0.55
C VAL A 373 6.61 5.06 1.96
N ALA A 374 5.82 6.10 2.17
CA ALA A 374 5.62 6.69 3.50
C ALA A 374 5.41 5.64 4.58
N VAL A 375 4.59 4.63 4.29
CA VAL A 375 4.24 3.63 5.29
C VAL A 375 5.42 2.72 5.55
N LEU A 376 6.16 2.39 4.50
CA LEU A 376 7.35 1.61 4.66
C LEU A 376 8.39 2.36 5.47
N ARG A 377 8.48 3.68 5.28
CA ARG A 377 9.40 4.51 6.03
C ARG A 377 9.02 4.50 7.51
N PHE A 378 7.75 4.78 7.77
CA PHE A 378 7.21 4.77 9.12
C PHE A 378 7.41 3.37 9.72
N PHE A 379 7.04 2.34 8.97
CA PHE A 379 7.13 0.92 9.39
C PHE A 379 8.56 0.56 9.74
N ASN A 380 9.52 1.13 8.98
CA ASN A 380 10.94 0.85 9.20
C ASN A 380 11.54 1.54 10.42
N GLU A 381 11.33 2.85 10.55
CA GLU A 381 11.80 3.58 11.74
C GLU A 381 11.26 2.96 13.02
N VAL A 382 9.97 2.66 13.01
CA VAL A 382 9.25 2.18 14.19
C VAL A 382 9.75 0.82 14.67
N PHE A 383 10.11 -0.06 13.74
CA PHE A 383 10.61 -1.38 14.08
C PHE A 383 12.00 -1.28 14.68
N ARG A 384 12.88 -0.54 14.01
CA ARG A 384 14.22 -0.28 14.51
C ARG A 384 14.14 0.28 15.93
N ASP A 385 13.52 1.44 16.07
CA ASP A 385 13.43 2.12 17.37
C ASP A 385 12.88 1.30 18.55
N SER A 386 11.86 0.49 18.30
CA SER A 386 11.17 -0.23 19.35
C SER A 386 11.96 -1.48 19.76
N THR A 387 12.77 -2.01 18.84
CA THR A 387 13.57 -3.19 19.14
C THR A 387 14.96 -2.81 19.71
N GLN A 388 15.56 -1.76 19.18
CA GLN A 388 16.93 -1.43 19.58
C GLN A 388 16.93 -0.41 20.68
N THR A 389 15.79 0.23 20.87
CA THR A 389 15.65 1.29 21.89
C THR A 389 14.29 1.21 22.59
N PRO A 390 13.96 0.02 23.16
CA PRO A 390 12.69 -0.14 23.81
C PRO A 390 12.53 1.00 24.79
N ALA A 391 11.31 1.53 24.92
CA ALA A 391 11.03 2.61 25.86
C ALA A 391 10.72 2.06 27.24
N ILE A 392 10.24 0.82 27.30
CA ILE A 392 10.10 0.08 28.57
C ILE A 392 10.61 -1.33 28.41
N THR A 393 10.70 -2.03 29.53
CA THR A 393 11.28 -3.37 29.57
C THR A 393 10.24 -4.32 30.14
N PRO A 394 10.35 -5.64 29.85
CA PRO A 394 9.34 -6.62 30.28
C PRO A 394 9.21 -6.71 31.79
N GLN A 395 10.07 -5.98 32.49
CA GLN A 395 10.03 -5.82 33.95
C GLN A 395 9.27 -4.55 34.37
N SER A 396 9.63 -3.41 33.78
CA SER A 396 9.13 -2.08 34.17
C SER A 396 7.80 -2.05 34.93
N GLN A 397 7.81 -1.48 36.14
CA GLN A 397 6.58 -1.33 36.95
C GLN A 397 5.73 -0.12 36.56
N PRO A 398 4.48 -0.37 36.11
CA PRO A 398 3.59 0.69 35.62
C PRO A 398 3.47 1.84 36.62
N ALA A 399 3.51 3.08 36.12
CA ALA A 399 3.30 4.26 36.95
C ALA A 399 2.00 4.19 37.74
N ALA A 400 2.03 4.71 38.96
CA ALA A 400 0.82 4.86 39.76
C ALA A 400 0.07 6.05 39.19
N THR A 401 -1.16 5.80 38.75
CA THR A 401 -2.01 6.84 38.20
C THR A 401 -3.45 6.36 38.06
N ASN A 402 -4.33 7.33 37.81
CA ASN A 402 -5.76 7.10 37.74
C ASN A 402 -6.24 6.93 36.30
N SER A 403 -6.20 5.66 35.85
CA SER A 403 -6.61 5.27 34.51
C SER A 403 -8.04 5.66 34.21
N SER A 404 -8.97 5.28 35.10
CA SER A 404 -10.40 5.58 34.96
C SER A 404 -10.73 7.08 34.71
N ALA A 405 -9.81 7.96 35.10
CA ALA A 405 -10.00 9.39 34.92
C ALA A 405 -9.26 9.93 33.69
N SER A 406 -8.22 9.20 33.26
CA SER A 406 -7.40 9.58 32.09
C SER A 406 -7.91 8.89 30.83
N VAL A 407 -8.16 7.59 30.95
CA VAL A 407 -8.78 6.79 29.91
C VAL A 407 -10.30 7.02 29.86
N GLU A 408 -10.77 7.77 28.86
CA GLU A 408 -12.22 7.88 28.61
C GLU A 408 -12.73 6.60 27.93
N THR A 409 -13.94 6.19 28.26
CA THR A 409 -14.55 5.10 27.52
C THR A 409 -15.62 5.74 26.67
N LEU A 410 -15.51 5.56 25.37
CA LEU A 410 -16.44 6.22 24.47
C LEU A 410 -17.87 5.64 24.54
N SER A 411 -18.83 6.45 24.14
CA SER A 411 -20.24 6.16 24.35
C SER A 411 -21.04 6.67 23.15
N PHE A 412 -21.88 5.82 22.59
CA PHE A 412 -22.70 6.23 21.46
C PHE A 412 -24.18 6.28 21.78
N ASN A 413 -24.90 7.14 21.06
CA ASN A 413 -26.35 7.08 21.06
C ASN A 413 -26.85 6.39 19.80
N LEU A 414 -27.40 5.19 19.96
CA LEU A 414 -27.68 4.33 18.84
C LEU A 414 -29.18 4.13 18.62
N SER A 415 -29.74 4.94 17.72
CA SER A 415 -31.15 4.84 17.38
C SER A 415 -31.49 3.44 16.91
N GLY A 416 -32.77 3.23 16.58
CA GLY A 416 -33.23 1.95 16.05
C GLY A 416 -32.58 1.69 14.72
N ALA A 417 -32.62 2.73 13.87
CA ALA A 417 -32.15 2.69 12.49
C ALA A 417 -30.68 2.40 12.43
N LEU A 418 -29.94 2.92 13.41
CA LEU A 418 -28.50 2.68 13.50
C LEU A 418 -28.12 1.32 14.06
N LYS A 419 -28.92 0.75 14.94
CA LYS A 419 -28.76 -0.65 15.33
C LYS A 419 -29.07 -1.55 14.14
N ALA A 420 -30.06 -1.16 13.33
CA ALA A 420 -30.38 -1.86 12.08
C ALA A 420 -29.19 -1.88 11.13
N GLY A 421 -28.59 -0.72 10.88
CA GLY A 421 -27.44 -0.63 10.00
C GLY A 421 -26.16 -1.25 10.52
N ILE A 422 -26.03 -1.36 11.83
CA ILE A 422 -24.82 -1.99 12.38
C ILE A 422 -24.96 -3.47 12.13
N THR A 423 -26.16 -3.99 12.30
CA THR A 423 -26.40 -5.43 12.18
C THR A 423 -26.36 -5.88 10.69
N ALA A 424 -26.63 -4.93 9.78
CA ALA A 424 -26.58 -5.20 8.36
C ALA A 424 -25.14 -5.15 7.90
N ALA A 425 -24.36 -4.27 8.52
CA ALA A 425 -22.94 -4.23 8.26
C ALA A 425 -22.25 -5.51 8.75
N LYS A 426 -22.55 -5.96 9.96
CA LYS A 426 -22.02 -7.24 10.44
C LYS A 426 -22.21 -8.30 9.41
N GLU A 427 -23.39 -8.34 8.83
CA GLU A 427 -23.75 -9.46 8.03
C GLU A 427 -23.12 -9.43 6.65
N LYS A 428 -23.11 -8.27 6.00
CA LYS A 428 -22.46 -8.13 4.68
C LYS A 428 -20.97 -8.35 4.78
N PHE A 429 -20.39 -7.91 5.89
CA PHE A 429 -18.99 -8.21 6.25
C PHE A 429 -18.69 -9.69 6.28
N ASP A 430 -19.46 -10.46 7.06
CA ASP A 430 -19.13 -11.88 7.30
C ASP A 430 -19.33 -12.75 6.08
N THR A 431 -20.15 -12.26 5.17
CA THR A 431 -20.45 -12.94 3.92
C THR A 431 -19.19 -12.95 3.10
N THR A 432 -18.74 -11.76 2.72
CA THR A 432 -17.51 -11.53 1.95
C THR A 432 -16.30 -12.24 2.52
N VAL A 433 -16.10 -12.16 3.82
CA VAL A 433 -14.89 -12.68 4.44
C VAL A 433 -14.80 -14.20 4.33
N LYS A 434 -15.94 -14.89 4.15
CA LYS A 434 -15.95 -16.34 3.97
C LYS A 434 -15.50 -16.74 2.59
N THR A 435 -15.62 -15.83 1.62
CA THR A 435 -15.22 -16.07 0.23
C THR A 435 -13.70 -16.04 0.01
N LEU A 436 -12.98 -15.37 0.91
CA LEU A 436 -11.52 -15.17 0.75
C LEU A 436 -10.69 -16.34 1.30
N SER A 437 -9.61 -16.68 0.57
CA SER A 437 -8.70 -17.75 0.94
C SER A 437 -7.27 -17.31 0.60
N ILE A 438 -6.38 -17.25 1.59
CA ILE A 438 -4.99 -16.82 1.38
C ILE A 438 -3.98 -17.92 1.74
N ASP A 439 -2.98 -18.16 0.90
CA ASP A 439 -1.83 -18.96 1.35
C ASP A 439 -0.49 -18.44 0.87
N SER A 440 0.59 -19.05 1.38
CA SER A 440 1.95 -18.53 1.20
C SER A 440 2.96 -19.58 0.74
N ILE A 441 4.09 -19.12 0.16
CA ILE A 441 5.23 -19.99 -0.18
C ILE A 441 6.55 -19.36 0.21
N GLN A 442 7.52 -20.22 0.50
CA GLN A 442 8.84 -19.80 0.94
C GLN A 442 9.85 -20.57 0.08
N PHE A 443 10.08 -20.09 -1.15
CA PHE A 443 10.97 -20.77 -2.12
C PHE A 443 12.43 -20.65 -1.70
N GLN A 444 13.00 -21.76 -1.22
CA GLN A 444 14.30 -21.69 -0.53
C GLN A 444 15.57 -22.09 -1.29
N ARG A 445 15.42 -22.51 -2.55
CA ARG A 445 16.58 -22.86 -3.43
C ARG A 445 17.41 -21.64 -3.90
N GLY A 446 17.29 -20.51 -3.21
CA GLY A 446 17.98 -19.28 -3.63
C GLY A 446 17.05 -18.16 -4.07
N GLY A 447 17.59 -16.93 -4.07
CA GLY A 447 16.84 -15.74 -4.42
C GLY A 447 17.67 -14.76 -5.20
N LYS A 448 17.91 -13.58 -4.62
CA LYS A 448 18.53 -12.44 -5.32
C LYS A 448 19.99 -12.66 -5.76
N GLU A 449 20.82 -13.22 -4.87
CA GLU A 449 22.22 -13.57 -5.18
C GLU A 449 22.34 -14.35 -6.48
N PHE A 450 21.79 -15.55 -6.47
CA PHE A 450 21.96 -16.45 -7.58
C PHE A 450 21.53 -15.78 -8.89
N LEU A 451 20.35 -15.18 -8.91
CA LEU A 451 19.81 -14.60 -10.15
C LEU A 451 20.64 -13.41 -10.68
N LYS A 452 21.05 -12.49 -9.80
CA LYS A 452 21.99 -11.40 -10.18
C LYS A 452 23.34 -11.91 -10.73
N LYS A 453 23.80 -13.07 -10.23
CA LYS A 453 24.97 -13.72 -10.80
C LYS A 453 24.76 -14.10 -12.26
N LYS A 454 23.56 -14.56 -12.59
CA LYS A 454 23.26 -15.04 -13.95
C LYS A 454 22.84 -13.88 -14.84
N GLN A 455 23.09 -12.66 -14.34
CA GLN A 455 22.85 -11.42 -15.08
C GLN A 455 21.37 -11.32 -15.44
N LEU A 456 20.50 -11.46 -14.45
CA LEU A 456 19.07 -11.36 -14.71
C LEU A 456 18.44 -10.53 -13.63
N SER A 457 17.46 -9.71 -14.01
CA SER A 457 16.68 -8.92 -13.05
C SER A 457 15.85 -9.86 -12.21
N PRO A 458 16.06 -9.83 -10.88
CA PRO A 458 15.41 -10.81 -10.01
C PRO A 458 13.90 -10.58 -9.97
N ASP A 459 13.47 -9.35 -10.28
CA ASP A 459 12.06 -8.99 -10.17
C ASP A 459 11.31 -9.59 -11.30
N ALA A 460 11.95 -9.57 -12.47
CA ALA A 460 11.32 -10.05 -13.70
C ALA A 460 11.20 -11.55 -13.63
N VAL A 461 12.19 -12.20 -13.02
CA VAL A 461 12.14 -13.66 -12.91
C VAL A 461 10.93 -14.10 -12.13
N ALA A 462 10.61 -13.29 -11.11
CA ALA A 462 9.44 -13.52 -10.30
C ALA A 462 8.15 -13.27 -11.10
N GLN A 463 8.06 -12.11 -11.77
CA GLN A 463 6.92 -11.78 -12.63
C GLN A 463 6.77 -12.86 -13.70
N LEU A 464 7.91 -13.41 -14.10
CA LEU A 464 7.95 -14.57 -15.00
C LEU A 464 7.37 -15.83 -14.39
N ALA A 465 7.70 -16.11 -13.13
CA ALA A 465 7.10 -17.28 -12.49
C ALA A 465 5.58 -17.15 -12.49
N PHE A 466 5.07 -15.95 -12.23
CA PHE A 466 3.62 -15.79 -12.16
C PHE A 466 2.98 -16.16 -13.49
N GLN A 467 3.13 -15.31 -14.52
CA GLN A 467 2.68 -15.65 -15.89
C GLN A 467 2.74 -17.17 -16.19
N MET A 468 3.92 -17.76 -16.02
CA MET A 468 4.14 -19.15 -16.37
C MET A 468 3.29 -20.08 -15.52
N ALA A 469 3.21 -19.79 -14.22
CA ALA A 469 2.38 -20.54 -13.27
C ALA A 469 0.90 -20.55 -13.65
N PHE A 470 0.42 -19.39 -14.12
CA PHE A 470 -0.97 -19.19 -14.54
C PHE A 470 -1.26 -20.02 -15.78
N LEU A 471 -0.62 -19.69 -16.90
CA LEU A 471 -0.69 -20.53 -18.10
C LEU A 471 -0.51 -22.06 -17.82
N ARG A 472 0.32 -22.43 -16.84
CA ARG A 472 0.46 -23.87 -16.50
C ARG A 472 -0.80 -24.46 -15.84
N GLN A 473 -1.60 -23.59 -15.21
CA GLN A 473 -2.75 -24.01 -14.40
C GLN A 473 -4.14 -23.71 -14.98
N TYR A 474 -4.31 -22.53 -15.57
CA TYR A 474 -5.59 -22.18 -16.21
C TYR A 474 -5.52 -22.17 -17.73
N GLY A 475 -4.31 -22.18 -18.28
CA GLY A 475 -4.11 -22.16 -19.73
C GLY A 475 -4.41 -20.84 -20.42
N GLN A 476 -4.26 -19.71 -19.73
CA GLN A 476 -4.43 -18.41 -20.42
C GLN A 476 -3.36 -17.38 -20.07
N THR A 477 -3.43 -16.27 -20.78
CA THR A 477 -2.53 -15.17 -20.50
C THR A 477 -3.40 -13.93 -20.22
N VAL A 478 -3.34 -13.45 -18.96
CA VAL A 478 -4.31 -12.49 -18.42
C VAL A 478 -3.67 -11.16 -18.01
N ALA A 479 -4.50 -10.12 -17.93
CA ALA A 479 -4.06 -8.72 -17.76
C ALA A 479 -3.37 -8.50 -16.42
N THR A 480 -2.10 -8.12 -16.46
CA THR A 480 -1.32 -8.16 -15.25
C THR A 480 -0.83 -6.78 -14.80
N TYR A 481 -0.93 -6.53 -13.48
CA TYR A 481 -0.64 -5.24 -12.86
C TYR A 481 0.58 -5.33 -11.94
N GLU A 482 1.60 -4.51 -12.22
CA GLU A 482 2.68 -4.35 -11.29
C GLU A 482 2.83 -2.90 -10.87
N SER A 483 2.83 -2.72 -9.56
CA SER A 483 2.93 -1.37 -9.03
C SER A 483 4.38 -0.91 -8.98
N CYS A 484 4.59 0.35 -9.39
CA CYS A 484 5.90 1.02 -9.41
C CYS A 484 5.77 2.47 -8.95
N SER A 485 6.77 3.03 -8.26
CA SER A 485 6.63 4.38 -7.73
C SER A 485 7.02 5.55 -8.63
N THR A 486 6.19 6.59 -8.73
CA THR A 486 6.65 7.83 -9.41
C THR A 486 6.98 8.93 -8.40
N ALA A 487 7.42 8.52 -7.22
CA ALA A 487 7.58 9.39 -6.06
C ALA A 487 8.76 10.33 -6.13
N ALA A 488 9.63 10.18 -7.12
CA ALA A 488 10.73 11.13 -7.26
C ALA A 488 10.30 12.48 -7.92
N PHE A 489 9.06 12.55 -8.39
CA PHE A 489 8.56 13.78 -8.99
C PHE A 489 7.63 14.47 -7.95
N LYS A 490 7.27 15.72 -8.21
CA LYS A 490 6.33 16.45 -7.32
C LYS A 490 4.93 15.83 -7.32
N HIS A 491 4.41 15.68 -6.11
CA HIS A 491 3.16 14.97 -5.84
C HIS A 491 3.05 13.56 -6.43
N GLY A 492 4.19 13.03 -6.88
CA GLY A 492 4.28 11.70 -7.53
C GLY A 492 3.63 10.58 -6.74
N ARG A 493 2.93 9.70 -7.46
CA ARG A 493 2.19 8.59 -6.82
C ARG A 493 2.66 7.20 -7.33
N THR A 494 1.86 6.48 -8.12
CA THR A 494 2.41 5.32 -8.84
C THR A 494 2.05 5.31 -10.31
N GLU A 495 2.97 4.85 -11.15
CA GLU A 495 2.66 4.35 -12.49
C GLU A 495 2.59 2.77 -12.53
N THR A 496 1.93 2.19 -13.54
CA THR A 496 1.78 0.72 -13.68
C THR A 496 2.83 0.04 -14.60
N ILE A 497 3.59 -0.96 -14.09
CA ILE A 497 4.40 -1.84 -14.95
C ILE A 497 3.48 -2.92 -15.55
N ARG A 498 3.69 -3.27 -16.83
CA ARG A 498 2.85 -4.28 -17.50
C ARG A 498 3.69 -5.51 -17.86
N PRO A 499 3.88 -6.39 -16.87
CA PRO A 499 4.78 -7.53 -16.89
C PRO A 499 4.41 -8.51 -18.00
N ALA A 500 3.15 -8.80 -18.21
CA ALA A 500 2.76 -9.61 -19.33
C ALA A 500 3.11 -9.00 -20.72
N SER A 501 4.33 -9.27 -21.20
CA SER A 501 4.74 -8.93 -22.56
C SER A 501 4.86 -10.10 -23.55
N ILE A 502 5.00 -9.75 -24.84
CA ILE A 502 5.19 -10.78 -25.91
C ILE A 502 6.30 -11.80 -25.59
N PHE A 503 7.38 -11.31 -24.96
CA PHE A 503 8.51 -12.14 -24.53
C PHE A 503 8.08 -13.11 -23.45
N THR A 504 7.33 -12.60 -22.47
CA THR A 504 6.83 -13.43 -21.36
C THR A 504 5.84 -14.47 -21.84
N LYS A 505 5.13 -14.17 -22.94
CA LYS A 505 4.18 -15.12 -23.50
C LYS A 505 4.92 -16.28 -24.19
N ARG A 506 5.76 -15.91 -25.15
CA ARG A 506 6.59 -16.85 -25.91
C ARG A 506 7.38 -17.79 -24.98
N CYS A 507 8.12 -17.18 -24.05
CA CYS A 507 8.93 -17.94 -23.10
C CYS A 507 8.11 -18.89 -22.25
N SER A 508 6.87 -18.48 -21.93
CA SER A 508 5.97 -19.27 -21.11
C SER A 508 5.40 -20.45 -21.90
N GLU A 509 5.00 -20.18 -23.13
CA GLU A 509 4.65 -21.26 -24.05
C GLU A 509 5.80 -22.25 -24.12
N ALA A 510 7.00 -21.77 -24.45
CA ALA A 510 8.20 -22.62 -24.53
C ALA A 510 8.30 -23.58 -23.35
N PHE A 511 8.34 -23.04 -22.15
CA PHE A 511 8.51 -23.84 -20.94
C PHE A 511 7.40 -24.84 -20.66
N VAL A 512 6.21 -24.59 -21.20
CA VAL A 512 5.00 -25.34 -20.79
C VAL A 512 4.41 -26.31 -21.82
N ARG A 513 4.10 -25.82 -23.03
CA ARG A 513 3.58 -26.66 -24.12
C ARG A 513 4.62 -27.64 -24.61
N ASP A 514 5.72 -27.11 -25.16
CA ASP A 514 6.78 -27.94 -25.72
C ASP A 514 8.13 -27.74 -25.04
N PRO A 515 8.24 -28.19 -23.75
CA PRO A 515 9.47 -28.00 -23.00
C PRO A 515 10.65 -28.69 -23.66
N SER A 516 10.38 -29.56 -24.64
CA SER A 516 11.44 -30.33 -25.28
C SER A 516 11.81 -29.91 -26.71
N LYS A 517 10.96 -29.09 -27.35
CA LYS A 517 11.25 -28.60 -28.71
C LYS A 517 12.36 -27.54 -28.71
N HIS A 518 12.69 -27.03 -27.52
CA HIS A 518 13.73 -26.01 -27.35
C HIS A 518 14.90 -26.54 -26.50
N SER A 519 16.11 -26.10 -26.84
CA SER A 519 17.34 -26.51 -26.13
C SER A 519 17.63 -25.62 -24.91
N VAL A 520 18.54 -26.08 -24.06
CA VAL A 520 18.90 -25.34 -22.84
C VAL A 520 19.23 -23.85 -23.13
N GLY A 521 20.34 -23.59 -23.82
CA GLY A 521 20.74 -22.22 -24.09
C GLY A 521 19.66 -21.41 -24.78
N GLU A 522 18.79 -22.12 -25.48
CA GLU A 522 17.69 -21.50 -26.20
C GLU A 522 16.68 -20.95 -25.22
N LEU A 523 16.46 -21.67 -24.11
CA LEU A 523 15.60 -21.17 -23.06
C LEU A 523 16.29 -19.96 -22.43
N GLN A 524 17.54 -20.14 -22.04
CA GLN A 524 18.32 -19.08 -21.40
C GLN A 524 18.25 -17.76 -22.15
N HIS A 525 18.16 -17.83 -23.47
CA HIS A 525 18.10 -16.63 -24.31
C HIS A 525 16.79 -15.88 -24.14
N MET A 526 15.67 -16.62 -24.18
CA MET A 526 14.35 -16.06 -23.97
C MET A 526 14.20 -15.40 -22.59
N MET A 527 14.61 -16.10 -21.55
CA MET A 527 14.61 -15.51 -20.20
C MET A 527 15.37 -14.18 -20.17
N ALA A 528 16.39 -14.03 -21.01
CA ALA A 528 17.15 -12.79 -21.06
C ALA A 528 16.35 -11.72 -21.79
N GLU A 529 15.60 -12.15 -22.80
CA GLU A 529 14.65 -11.29 -23.52
C GLU A 529 13.64 -10.68 -22.53
N CYS A 530 12.97 -11.55 -21.76
CA CYS A 530 12.06 -11.13 -20.70
C CYS A 530 12.76 -10.17 -19.76
N SER A 531 13.75 -10.70 -19.04
CA SER A 531 14.53 -9.89 -18.12
C SER A 531 14.82 -8.53 -18.72
N LYS A 532 15.23 -8.48 -19.97
CA LYS A 532 15.62 -7.22 -20.63
C LYS A 532 14.42 -6.27 -20.80
N TYR A 533 13.42 -6.71 -21.58
CA TYR A 533 12.23 -5.90 -21.85
C TYR A 533 11.62 -5.39 -20.53
N HIS A 534 11.65 -6.27 -19.52
CA HIS A 534 11.10 -5.93 -18.22
C HIS A 534 11.75 -4.75 -17.60
N GLY A 535 13.09 -4.71 -17.69
CA GLY A 535 13.88 -3.63 -17.12
C GLY A 535 13.64 -2.30 -17.85
N GLN A 536 13.25 -2.39 -19.13
CA GLN A 536 12.95 -1.22 -19.92
C GLN A 536 11.62 -0.65 -19.44
N LEU A 537 10.75 -1.54 -18.99
CA LEU A 537 9.47 -1.06 -18.47
C LEU A 537 9.68 -0.46 -17.09
N THR A 538 10.39 -1.18 -16.23
CA THR A 538 10.59 -0.74 -14.88
C THR A 538 11.18 0.66 -14.86
N LYS A 539 12.19 0.90 -15.70
CA LYS A 539 12.83 2.22 -15.84
C LYS A 539 11.87 3.29 -16.43
N GLU A 540 11.10 2.95 -17.45
CA GLU A 540 10.15 3.92 -18.03
C GLU A 540 9.02 4.25 -17.06
N ALA A 541 8.54 3.23 -16.35
CA ALA A 541 7.45 3.43 -15.39
C ALA A 541 7.86 4.51 -14.41
N ALA A 542 8.91 4.25 -13.63
CA ALA A 542 9.46 5.17 -12.65
C ALA A 542 9.66 6.58 -13.20
N MET A 543 9.71 6.70 -14.52
CA MET A 543 10.08 7.95 -15.13
C MET A 543 8.88 8.74 -15.64
N GLY A 544 7.70 8.19 -15.41
CA GLY A 544 6.46 8.79 -15.81
C GLY A 544 6.07 8.28 -17.17
N GLN A 545 6.89 7.38 -17.71
CA GLN A 545 6.83 7.04 -19.14
C GLN A 545 6.05 5.78 -19.52
N GLY A 546 5.15 5.32 -18.65
CA GLY A 546 4.17 4.29 -19.00
C GLY A 546 2.91 4.90 -19.60
N PHE A 547 1.86 4.12 -19.73
CA PHE A 547 0.70 4.54 -20.53
C PHE A 547 -0.61 4.68 -19.73
N ASP A 548 -0.75 3.85 -18.70
CA ASP A 548 -1.98 3.79 -17.89
C ASP A 548 -2.40 5.06 -17.21
N ARG A 549 -1.49 5.75 -16.52
CA ARG A 549 -1.90 6.95 -15.85
C ARG A 549 -2.33 8.04 -16.87
N HIS A 550 -1.69 8.04 -18.03
CA HIS A 550 -1.92 9.01 -19.08
C HIS A 550 -3.32 8.88 -19.65
N LEU A 551 -3.65 7.66 -20.09
CA LEU A 551 -4.95 7.40 -20.69
C LEU A 551 -6.06 7.66 -19.71
N TYR A 552 -5.80 7.31 -18.45
CA TYR A 552 -6.74 7.56 -17.35
C TYR A 552 -6.93 9.04 -17.14
N ALA A 553 -5.83 9.79 -17.06
CA ALA A 553 -5.92 11.25 -16.92
C ALA A 553 -6.71 11.89 -18.08
N LEU A 554 -6.79 11.19 -19.21
CA LEU A 554 -7.51 11.69 -20.38
C LEU A 554 -8.98 11.34 -20.25
N ARG A 555 -9.27 10.14 -19.80
CA ARG A 555 -10.64 9.77 -19.48
C ARG A 555 -11.28 10.84 -18.58
N TYR A 556 -10.65 11.03 -17.42
CA TYR A 556 -11.13 11.91 -16.37
C TYR A 556 -11.52 13.28 -16.88
N LEU A 557 -10.72 13.84 -17.80
CA LEU A 557 -10.93 15.20 -18.31
C LEU A 557 -12.14 15.35 -19.28
N ALA A 558 -12.39 14.31 -20.10
CA ALA A 558 -13.63 14.23 -20.90
C ALA A 558 -14.80 14.36 -19.95
N THR A 559 -15.08 13.25 -19.26
CA THR A 559 -16.06 13.17 -18.18
C THR A 559 -16.19 14.45 -17.33
N ALA A 560 -15.06 15.08 -16.98
CA ALA A 560 -15.06 16.29 -16.15
C ALA A 560 -15.53 17.59 -16.85
N ARG A 561 -15.26 17.73 -18.15
CA ARG A 561 -15.82 18.85 -18.91
C ARG A 561 -17.23 18.51 -19.42
N GLY A 562 -17.71 17.31 -19.13
CA GLY A 562 -19.08 16.91 -19.45
C GLY A 562 -19.31 16.44 -20.89
N LEU A 563 -18.29 15.84 -21.50
CA LEU A 563 -18.48 15.18 -22.80
C LEU A 563 -18.79 13.72 -22.57
N ASN A 564 -19.24 13.06 -23.63
CA ASN A 564 -19.43 11.62 -23.61
C ASN A 564 -18.08 10.96 -23.40
N LEU A 565 -18.09 9.69 -22.99
CA LEU A 565 -16.90 8.88 -23.02
C LEU A 565 -16.44 8.73 -24.48
N PRO A 566 -15.16 9.05 -24.78
CA PRO A 566 -14.59 8.65 -26.09
C PRO A 566 -14.56 7.11 -26.30
N GLU A 567 -14.61 6.71 -27.56
CA GLU A 567 -14.87 5.34 -28.01
C GLU A 567 -13.77 4.30 -27.68
N LEU A 568 -12.56 4.77 -27.38
CA LEU A 568 -11.39 3.94 -26.99
C LEU A 568 -11.59 3.22 -25.66
N TYR A 569 -12.25 3.92 -24.74
CA TYR A 569 -12.50 3.41 -23.40
C TYR A 569 -13.71 2.48 -23.34
N LEU A 570 -14.65 2.72 -24.25
CA LEU A 570 -15.81 1.81 -24.43
C LEU A 570 -15.39 0.43 -24.97
N ASP A 571 -14.54 0.43 -25.98
CA ASP A 571 -13.96 -0.79 -26.52
C ASP A 571 -13.67 -1.86 -25.46
N PRO A 572 -14.31 -3.05 -25.57
CA PRO A 572 -14.16 -4.18 -24.59
C PRO A 572 -12.73 -4.41 -24.15
N ALA A 573 -11.82 -4.49 -25.11
CA ALA A 573 -10.39 -4.61 -24.81
C ALA A 573 -9.81 -3.57 -23.81
N TYR A 574 -10.37 -2.36 -23.74
CA TYR A 574 -9.83 -1.38 -22.80
C TYR A 574 -10.18 -1.79 -21.39
N GLN A 575 -11.46 -2.10 -21.19
CA GLN A 575 -11.94 -2.59 -19.91
C GLN A 575 -11.23 -3.88 -19.48
N GLN A 576 -10.90 -4.75 -20.43
CA GLN A 576 -10.25 -6.04 -20.14
C GLN A 576 -8.81 -5.82 -19.63
N MET A 577 -8.15 -4.83 -20.25
CA MET A 577 -6.82 -4.37 -19.86
C MET A 577 -6.81 -3.87 -18.42
N ASN A 578 -7.86 -3.16 -18.03
CA ASN A 578 -8.00 -2.68 -16.68
C ASN A 578 -8.77 -3.61 -15.75
N HIS A 579 -8.77 -4.91 -16.06
CA HIS A 579 -9.44 -5.87 -15.21
C HIS A 579 -8.42 -6.93 -14.76
N ASN A 580 -7.58 -6.47 -13.83
CA ASN A 580 -6.38 -7.17 -13.43
C ASN A 580 -6.56 -8.49 -12.66
N ILE A 581 -6.69 -9.57 -13.42
CA ILE A 581 -6.71 -10.94 -12.86
C ILE A 581 -5.47 -11.25 -11.98
N LEU A 582 -4.26 -10.86 -12.42
CA LEU A 582 -3.12 -10.83 -11.50
C LEU A 582 -2.68 -9.39 -11.14
N SER A 583 -2.86 -9.04 -9.87
CA SER A 583 -2.41 -7.80 -9.30
C SER A 583 -1.29 -8.10 -8.30
N THR A 584 -0.15 -7.42 -8.46
CA THR A 584 1.09 -7.73 -7.76
C THR A 584 1.76 -6.48 -7.22
N SER A 585 2.55 -6.67 -6.17
CA SER A 585 3.23 -5.60 -5.44
C SER A 585 4.34 -6.20 -4.55
N THR A 586 5.52 -5.57 -4.55
CA THR A 586 6.61 -6.01 -3.66
C THR A 586 7.26 -4.88 -2.84
N LEU A 587 7.90 -5.28 -1.73
CA LEU A 587 8.64 -4.42 -0.80
C LEU A 587 9.73 -5.23 -0.08
N ASN A 588 10.93 -4.67 -0.03
CA ASN A 588 12.06 -5.25 0.70
C ASN A 588 12.33 -4.46 1.96
N SER A 589 12.15 -5.10 3.10
CA SER A 589 12.59 -4.56 4.39
C SER A 589 12.84 -5.71 5.35
N PRO A 590 13.93 -5.61 6.14
CA PRO A 590 14.21 -6.60 7.19
C PRO A 590 13.28 -6.41 8.43
N ALA A 591 12.33 -5.47 8.32
CA ALA A 591 11.31 -5.23 9.35
C ALA A 591 10.03 -6.01 9.07
N VAL A 592 9.80 -6.32 7.78
CA VAL A 592 8.59 -7.02 7.32
C VAL A 592 8.83 -8.52 7.41
N SER A 593 7.86 -9.25 7.97
CA SER A 593 7.86 -10.71 7.86
C SER A 593 7.04 -11.11 6.65
N LEU A 594 5.78 -10.70 6.62
CA LEU A 594 4.98 -10.82 5.40
C LEU A 594 4.02 -9.65 5.28
N GLY A 595 3.32 -9.58 4.15
CA GLY A 595 2.21 -8.64 3.91
C GLY A 595 1.19 -9.21 2.94
N GLY A 596 0.14 -8.45 2.66
CA GLY A 596 -0.96 -8.91 1.81
C GLY A 596 -1.99 -7.86 1.41
N PHE A 597 -2.81 -8.21 0.42
CA PHE A 597 -3.97 -7.40 0.00
C PHE A 597 -5.01 -8.33 -0.67
N ALA A 598 -6.30 -7.96 -0.66
CA ALA A 598 -7.32 -8.68 -1.43
C ALA A 598 -6.99 -8.74 -2.94
N PRO A 599 -7.61 -9.64 -3.72
CA PRO A 599 -7.62 -9.48 -5.18
C PRO A 599 -8.33 -8.21 -5.58
N VAL A 600 -8.13 -7.71 -6.79
CA VAL A 600 -8.76 -6.44 -7.15
C VAL A 600 -10.02 -6.63 -7.95
N VAL A 601 -10.29 -7.87 -8.36
CA VAL A 601 -11.49 -8.19 -9.11
C VAL A 601 -12.02 -9.52 -8.60
N PRO A 602 -13.30 -9.81 -8.90
CA PRO A 602 -13.98 -11.03 -8.38
C PRO A 602 -13.27 -12.35 -8.71
N ASP A 603 -12.63 -12.43 -9.89
CA ASP A 603 -12.00 -13.65 -10.39
C ASP A 603 -10.47 -13.59 -10.43
N GLY A 604 -9.87 -13.00 -9.40
CA GLY A 604 -8.46 -12.63 -9.48
C GLY A 604 -7.53 -12.91 -8.30
N PHE A 605 -6.29 -12.43 -8.42
CA PHE A 605 -5.27 -12.80 -7.49
C PHE A 605 -4.62 -11.60 -6.84
N GLY A 606 -4.31 -11.74 -5.56
CA GLY A 606 -3.60 -10.72 -4.87
C GLY A 606 -2.24 -11.25 -4.50
N ILE A 607 -1.23 -10.92 -5.29
CA ILE A 607 0.11 -11.42 -5.02
C ILE A 607 1.00 -10.38 -4.40
N ALA A 608 1.31 -10.59 -3.13
CA ALA A 608 2.36 -9.84 -2.46
C ALA A 608 3.54 -10.77 -2.48
N TYR A 609 4.68 -10.25 -2.92
CA TYR A 609 5.88 -11.06 -3.09
C TYR A 609 7.13 -10.30 -2.65
N ALA A 610 8.15 -11.05 -2.25
CA ALA A 610 9.45 -10.46 -1.88
C ALA A 610 10.61 -11.38 -2.24
N VAL A 611 11.54 -10.83 -3.01
CA VAL A 611 12.73 -11.55 -3.44
C VAL A 611 13.88 -11.24 -2.51
N HIS A 612 14.26 -12.19 -1.66
CA HIS A 612 15.34 -11.96 -0.69
C HIS A 612 16.63 -12.51 -1.25
N ASP A 613 17.73 -12.33 -0.53
CA ASP A 613 19.04 -12.80 -0.94
C ASP A 613 19.00 -14.27 -1.36
N ASP A 614 18.44 -15.12 -0.51
CA ASP A 614 18.56 -16.55 -0.72
C ASP A 614 17.23 -17.29 -0.83
N TRP A 615 16.16 -16.53 -0.86
CA TRP A 615 14.83 -17.09 -1.04
C TRP A 615 13.81 -16.07 -1.57
N ILE A 616 12.70 -16.61 -2.07
CA ILE A 616 11.58 -15.88 -2.69
C ILE A 616 10.26 -16.17 -1.92
N GLY A 617 9.62 -15.13 -1.39
CA GLY A 617 8.35 -15.28 -0.66
C GLY A 617 7.14 -14.68 -1.36
N CYS A 618 6.04 -15.43 -1.34
CA CYS A 618 4.76 -14.97 -1.87
C CYS A 618 3.67 -15.15 -0.85
N ASN A 619 2.69 -14.26 -0.87
CA ASN A 619 1.54 -14.37 -0.02
C ASN A 619 0.35 -14.03 -0.91
N VAL A 620 -0.41 -15.07 -1.24
CA VAL A 620 -1.36 -15.01 -2.35
C VAL A 620 -2.78 -15.15 -1.85
N SER A 621 -3.64 -14.27 -2.37
CA SER A 621 -5.03 -14.19 -1.95
C SER A 621 -5.98 -14.39 -3.16
N SER A 622 -7.16 -14.94 -2.87
CA SER A 622 -8.12 -15.29 -3.92
C SER A 622 -9.51 -15.44 -3.32
N TYR A 623 -10.48 -15.49 -4.20
CA TYR A 623 -11.87 -15.65 -3.81
C TYR A 623 -12.35 -17.08 -4.09
N SER A 624 -13.59 -17.20 -4.56
CA SER A 624 -14.19 -18.51 -4.79
C SER A 624 -13.89 -19.05 -6.18
N GLY A 625 -13.99 -18.19 -7.21
CA GLY A 625 -13.73 -18.61 -8.59
C GLY A 625 -12.29 -19.01 -8.95
N ARG A 626 -11.37 -18.90 -8.00
CA ARG A 626 -9.96 -19.21 -8.23
C ARG A 626 -9.41 -20.02 -7.05
N ASN A 627 -8.29 -20.72 -7.27
CA ASN A 627 -7.62 -21.45 -6.17
C ASN A 627 -6.18 -20.96 -5.93
N ALA A 628 -5.88 -20.65 -4.66
CA ALA A 628 -4.57 -20.11 -4.30
C ALA A 628 -3.53 -21.21 -4.11
N ARG A 629 -3.77 -22.08 -3.12
CA ARG A 629 -2.88 -23.19 -2.81
C ARG A 629 -2.33 -23.83 -4.08
N GLU A 630 -3.21 -24.04 -5.06
CA GLU A 630 -2.86 -24.71 -6.30
C GLU A 630 -2.02 -23.82 -7.20
N PHE A 631 -2.38 -22.53 -7.29
CA PHE A 631 -1.59 -21.56 -8.04
C PHE A 631 -0.24 -21.36 -7.42
N LEU A 632 -0.11 -21.69 -6.14
CA LEU A 632 1.18 -21.64 -5.52
C LEU A 632 1.98 -22.88 -5.81
N HIS A 633 1.34 -24.02 -6.01
CA HIS A 633 2.11 -25.21 -6.38
C HIS A 633 2.73 -25.07 -7.78
N CYS A 634 2.09 -24.26 -8.61
CA CYS A 634 2.61 -24.01 -9.94
C CYS A 634 3.75 -23.03 -9.90
N VAL A 635 3.70 -22.03 -9.02
CA VAL A 635 4.75 -21.01 -8.89
C VAL A 635 6.04 -21.61 -8.37
N GLN A 636 5.91 -22.60 -7.47
CA GLN A 636 7.01 -23.44 -7.02
C GLN A 636 7.73 -24.12 -8.19
N LYS A 637 6.98 -24.94 -8.90
CA LYS A 637 7.48 -25.73 -10.04
C LYS A 637 8.04 -24.83 -11.13
N CYS A 638 7.31 -23.78 -11.49
CA CYS A 638 7.81 -22.75 -12.42
C CYS A 638 9.15 -22.16 -12.01
N LEU A 639 9.37 -22.00 -10.70
CA LEU A 639 10.64 -21.50 -10.23
C LEU A 639 11.73 -22.56 -10.29
N GLU A 640 11.38 -23.84 -10.03
CA GLU A 640 12.32 -24.99 -10.11
C GLU A 640 12.90 -25.19 -11.50
N ASP A 641 12.02 -25.20 -12.49
CA ASP A 641 12.40 -25.23 -13.89
C ASP A 641 13.18 -23.98 -14.34
N ILE A 642 12.87 -22.83 -13.74
CA ILE A 642 13.61 -21.61 -14.06
C ILE A 642 15.08 -21.73 -13.69
N PHE A 643 15.35 -22.13 -12.45
CA PHE A 643 16.72 -22.31 -11.97
C PHE A 643 17.48 -23.43 -12.70
N ASP A 644 16.81 -24.55 -12.96
CA ASP A 644 17.41 -25.67 -13.67
C ASP A 644 17.85 -25.26 -15.08
N ALA A 645 17.05 -24.42 -15.71
CA ALA A 645 17.35 -23.87 -17.03
C ALA A 645 18.55 -22.96 -16.93
N LEU A 646 18.67 -22.29 -15.79
CA LEU A 646 19.73 -21.33 -15.57
C LEU A 646 21.00 -22.02 -15.14
N GLU A 647 20.84 -23.21 -14.57
CA GLU A 647 21.98 -24.05 -14.15
C GLU A 647 22.53 -24.96 -15.25
N GLY A 648 21.99 -24.87 -16.46
CA GLY A 648 22.44 -25.71 -17.58
C GLY A 648 22.02 -27.18 -17.51
N LYS A 649 21.04 -27.51 -16.66
CA LYS A 649 20.49 -28.87 -16.55
C LYS A 649 19.76 -29.32 -17.83
O9 BUI B . -1.35 2.38 -6.90
C3 BUI B . -0.96 1.22 -6.54
O8 BUI B . -0.49 0.39 -7.36
C2 BUI B . -1.06 0.81 -5.07
C5 BUI B . -1.07 -0.72 -4.84
C10 BUI B . -2.36 -1.43 -5.31
N6 BUI B . -2.26 -2.91 -5.55
C14 BUI B . -2.00 -3.72 -4.33
C13 BUI B . -1.23 -3.27 -6.56
C12 BUI B . -3.56 -3.38 -6.02
N4 BUI B . -1.00 -0.90 -3.38
C1 BUI B . 0.18 -1.31 -2.83
O7 BUI B . 1.14 -1.53 -3.58
N11 BUI B . 0.30 -1.51 -1.48
C15 BUI B . 1.48 -1.95 -0.75
C16 BUI B . 0.95 -2.74 0.45
C24 BUI B . 1.16 -4.27 0.45
C26 BUI B . 2.59 -4.67 0.11
C27 BUI B . 2.80 -6.19 0.30
C19 BUI B . 4.22 -6.65 -0.02
C20 BUI B . 4.93 -7.13 1.24
C21 BUI B . 5.98 -8.20 0.96
C22 BUI B . 5.34 -9.58 0.78
C23 BUI B . 6.05 -10.61 1.65
C25 BUI B . 5.56 -12.05 1.44
C18 BUI B . 6.51 -12.99 2.16
C17 BUI B . 6.19 -14.47 1.94
C28 BUI B . 5.83 -15.19 3.22
#